data_5UR8
#
_entry.id   5UR8
#
_cell.length_a   131.900
_cell.length_b   131.900
_cell.length_c   90.381
_cell.angle_alpha   90.000
_cell.angle_beta   90.000
_cell.angle_gamma   120.000
#
_symmetry.space_group_name_H-M   'P 31 2 1'
#
loop_
_entity.id
_entity.type
_entity.pdbx_description
1 polymer 'human immunoglobulin gamma, heavy chain Fd fragment'
2 polymer 'human immunoglobulin gamma, kappa light chain'
3 water water
#
loop_
_entity_poly.entity_id
_entity_poly.type
_entity_poly.pdbx_seq_one_letter_code
_entity_poly.pdbx_strand_id
1 'polypeptide(L)'
;EVQLVQSGAELKKPGESLKISCKASGYTFTNYWVVWVRQMPGEGLEWMGSIHPRDSDARYSLSFEGRVTFSVDKSTTTAY
LQWSSLKVSDSAIYYCARLSQVSGWSPWVGPWGQGTLVTVSSASTKGPSVFPLAPSSKSTSGGTAALGCLVKDYFPEPVT
VSWNSGALTSGVHTFPAVLQSSGLYSLSSVVTVPSSSLGTQTYICNVNHKPSNTKVDKKVEPKSCDKLEHHHHHH
;
A
2 'polypeptide(L)'
;ADIVMTQSPSSLSASVGDRVTITCRASQSISVSLNWYQQKPGKAPKVLIYAASRLQSGIPSRFSGSGSGSHFTLTISSLQ
PEDFATYYCQETYSDLMYTFGQGTKVEIKRTVAAPSVFIFPPSDEQLKSGTASVVCLLNNFYPREAKVQWKVDNALQSGN
SQESVTEQDSKDSTYSLSSTLTLSKADYEKHKVYACEVTHQGLSSPVTKSFNRGECS
;
B
#
# COMPACT_ATOMS: atom_id res chain seq x y z
N GLU A 1 -20.98 -7.17 14.18
CA GLU A 1 -19.58 -6.96 13.84
C GLU A 1 -19.10 -5.58 14.27
N VAL A 2 -18.06 -5.54 15.12
CA VAL A 2 -17.48 -4.28 15.55
C VAL A 2 -16.77 -3.62 14.37
N GLN A 3 -17.13 -2.38 14.07
CA GLN A 3 -16.58 -1.68 12.91
C GLN A 3 -16.27 -0.23 13.23
N LEU A 4 -15.22 0.28 12.60
CA LEU A 4 -14.89 1.70 12.62
CA LEU A 4 -14.88 1.70 12.62
C LEU A 4 -14.62 2.13 11.18
N VAL A 5 -15.40 3.08 10.69
CA VAL A 5 -15.36 3.49 9.29
C VAL A 5 -14.98 4.96 9.25
N GLN A 6 -13.83 5.24 8.63
CA GLN A 6 -13.30 6.59 8.67
C GLN A 6 -13.71 7.36 7.43
N SER A 7 -13.66 8.69 7.55
CA SER A 7 -14.01 9.55 6.43
C SER A 7 -12.94 9.46 5.35
N GLY A 8 -13.26 10.02 4.19
CA GLY A 8 -12.44 9.83 3.01
C GLY A 8 -11.18 10.67 3.01
N ALA A 9 -10.30 10.38 2.05
CA ALA A 9 -9.05 11.10 1.92
C ALA A 9 -9.29 12.60 1.75
N GLU A 10 -8.36 13.39 2.26
CA GLU A 10 -8.50 14.84 2.31
C GLU A 10 -7.30 15.52 1.66
N LEU A 11 -7.57 16.58 0.91
CA LEU A 11 -6.53 17.52 0.48
C LEU A 11 -6.85 18.86 1.11
N LYS A 12 -5.90 19.43 1.84
CA LYS A 12 -6.08 20.75 2.43
C LYS A 12 -4.83 21.59 2.25
N LYS A 13 -4.99 22.93 2.36
CA LYS A 13 -3.83 23.79 2.26
C LYS A 13 -3.25 24.06 3.64
N PRO A 14 -1.96 24.38 3.73
CA PRO A 14 -1.39 24.77 5.02
C PRO A 14 -2.19 25.91 5.64
N GLY A 15 -2.35 25.85 6.97
CA GLY A 15 -3.09 26.86 7.69
C GLY A 15 -4.58 26.64 7.74
N GLU A 16 -5.11 25.71 6.97
CA GLU A 16 -6.53 25.43 7.06
C GLU A 16 -6.81 24.49 8.23
N SER A 17 -8.05 24.51 8.68
CA SER A 17 -8.51 23.56 9.68
CA SER A 17 -8.52 23.56 9.68
C SER A 17 -9.04 22.30 9.00
N LEU A 18 -9.06 21.20 9.76
CA LEU A 18 -9.55 19.94 9.21
C LEU A 18 -10.08 19.08 10.35
N LYS A 19 -11.25 18.49 10.14
CA LYS A 19 -11.85 17.55 11.08
C LYS A 19 -12.15 16.27 10.33
N ILE A 20 -11.51 15.17 10.71
CA ILE A 20 -11.77 13.88 10.11
C ILE A 20 -12.54 13.04 11.12
N SER A 21 -13.29 12.07 10.64
CA SER A 21 -14.24 11.38 11.49
C SER A 21 -14.06 9.87 11.42
N CYS A 22 -14.59 9.22 12.43
CA CYS A 22 -14.47 7.77 12.64
C CYS A 22 -15.80 7.30 13.21
N LYS A 23 -16.60 6.64 12.39
CA LYS A 23 -17.94 6.19 12.80
C LYS A 23 -17.82 4.78 13.38
N ALA A 24 -18.16 4.65 14.66
CA ALA A 24 -18.15 3.37 15.35
C ALA A 24 -19.51 2.69 15.24
N SER A 25 -19.50 1.36 15.18
CA SER A 25 -20.74 0.60 15.14
C SER A 25 -20.48 -0.81 15.65
N GLY A 26 -21.56 -1.48 16.05
CA GLY A 26 -21.48 -2.88 16.48
C GLY A 26 -21.05 -3.10 17.90
N TYR A 27 -20.97 -2.06 18.71
CA TYR A 27 -20.59 -2.19 20.11
C TYR A 27 -21.05 -0.94 20.84
N THR A 28 -20.97 -0.99 22.17
CA THR A 28 -21.41 0.13 22.98
C THR A 28 -20.33 1.20 22.98
N PHE A 29 -20.61 2.29 22.26
CA PHE A 29 -19.63 3.35 22.01
C PHE A 29 -19.04 3.90 23.29
N THR A 30 -19.86 4.12 24.32
CA THR A 30 -19.38 4.72 25.57
C THR A 30 -18.70 3.73 26.50
N ASN A 31 -18.39 2.51 26.05
CA ASN A 31 -17.70 1.56 26.91
C ASN A 31 -16.24 1.36 26.56
N TYR A 32 -15.73 2.01 25.53
CA TYR A 32 -14.38 1.75 25.05
C TYR A 32 -13.67 3.03 24.66
N TRP A 33 -12.37 3.10 24.98
CA TRP A 33 -11.54 4.14 24.42
C TRP A 33 -11.49 4.03 22.91
N VAL A 34 -11.45 5.18 22.24
CA VAL A 34 -11.05 5.30 20.84
C VAL A 34 -9.61 5.82 20.82
N VAL A 35 -8.77 5.27 19.95
CA VAL A 35 -7.38 5.72 19.87
C VAL A 35 -7.11 6.24 18.46
N TRP A 36 -6.11 7.08 18.34
CA TRP A 36 -5.70 7.65 17.06
C TRP A 36 -4.22 7.38 16.86
N VAL A 37 -3.86 6.95 15.65
CA VAL A 37 -2.50 6.52 15.32
C VAL A 37 -2.13 7.11 13.97
N ARG A 38 -0.98 7.76 13.91
CA ARG A 38 -0.48 8.37 12.68
C ARG A 38 0.54 7.43 12.03
N GLN A 39 0.55 7.41 10.69
CA GLN A 39 1.58 6.67 9.97
C GLN A 39 1.90 7.39 8.67
N MET A 40 3.12 7.88 8.56
CA MET A 40 3.58 8.34 7.27
C MET A 40 3.84 7.13 6.36
N PRO A 41 3.45 7.20 5.10
CA PRO A 41 3.58 6.03 4.22
C PRO A 41 4.98 5.46 4.24
N GLY A 42 5.08 4.14 4.42
CA GLY A 42 6.36 3.47 4.54
C GLY A 42 7.11 3.70 5.83
N GLU A 43 6.51 4.37 6.82
CA GLU A 43 7.13 4.59 8.12
C GLU A 43 6.34 3.83 9.19
N GLY A 44 6.74 4.03 10.45
CA GLY A 44 6.16 3.28 11.54
C GLY A 44 4.89 3.89 12.09
N LEU A 45 4.25 3.12 12.97
CA LEU A 45 3.04 3.57 13.67
C LEU A 45 3.40 4.54 14.78
N GLU A 46 2.63 5.62 14.91
CA GLU A 46 2.88 6.62 15.95
C GLU A 46 1.61 6.82 16.76
N TRP A 47 1.67 6.49 18.06
CA TRP A 47 0.56 6.72 18.97
C TRP A 47 0.30 8.22 19.13
N MET A 48 -0.91 8.67 18.79
CA MET A 48 -1.25 10.09 18.96
C MET A 48 -1.92 10.37 20.29
N GLY A 49 -2.75 9.47 20.76
CA GLY A 49 -3.51 9.67 21.97
C GLY A 49 -4.83 8.94 21.86
N SER A 50 -5.72 9.24 22.81
CA SER A 50 -6.96 8.49 22.90
C SER A 50 -8.05 9.41 23.44
N ILE A 51 -9.30 9.05 23.20
CA ILE A 51 -10.42 9.75 23.81
C ILE A 51 -11.50 8.73 24.19
N HIS A 52 -12.05 8.91 25.39
CA HIS A 52 -13.09 8.00 25.84
C HIS A 52 -14.44 8.66 25.63
N PRO A 53 -15.37 8.05 24.88
CA PRO A 53 -16.63 8.74 24.60
C PRO A 53 -17.51 8.95 25.82
N ARG A 54 -17.30 8.22 26.90
CA ARG A 54 -18.23 8.33 28.03
C ARG A 54 -18.10 9.69 28.72
N ASP A 55 -16.89 10.21 28.82
CA ASP A 55 -16.68 11.52 29.45
C ASP A 55 -15.83 12.46 28.61
N SER A 56 -15.52 12.10 27.36
CA SER A 56 -14.61 12.88 26.51
C SER A 56 -13.29 13.16 27.22
N ASP A 57 -12.86 12.20 28.05
CA ASP A 57 -11.50 12.17 28.57
C ASP A 57 -10.53 11.99 27.40
N ALA A 58 -9.70 12.99 27.13
CA ALA A 58 -8.77 12.95 26.01
C ALA A 58 -7.33 12.94 26.53
N ARG A 59 -6.53 11.99 26.05
CA ARG A 59 -5.11 11.90 26.38
C ARG A 59 -4.32 12.12 25.09
N TYR A 60 -3.36 13.03 25.15
CA TYR A 60 -2.56 13.38 23.97
C TYR A 60 -1.09 13.08 24.23
N SER A 61 -0.44 12.44 23.27
CA SER A 61 1.01 12.36 23.30
CA SER A 61 1.01 12.36 23.33
C SER A 61 1.60 13.75 23.17
N LEU A 62 2.75 13.97 23.81
CA LEU A 62 3.36 15.30 23.82
C LEU A 62 3.62 15.81 22.41
N SER A 63 3.99 14.91 21.49
CA SER A 63 4.27 15.31 20.11
C SER A 63 3.07 15.95 19.43
N PHE A 64 1.85 15.71 19.92
CA PHE A 64 0.64 16.14 19.23
C PHE A 64 -0.26 17.07 20.03
N GLU A 65 0.04 17.32 21.30
CA GLU A 65 -0.95 17.92 22.19
C GLU A 65 -1.31 19.34 21.77
N GLY A 66 -0.34 20.14 21.36
CA GLY A 66 -0.65 21.52 21.01
C GLY A 66 -1.61 21.66 19.85
N ARG A 67 -1.64 20.69 18.95
CA ARG A 67 -2.11 20.92 17.59
C ARG A 67 -3.38 20.17 17.21
N VAL A 68 -3.74 19.12 17.95
CA VAL A 68 -4.87 18.26 17.60
CA VAL A 68 -4.90 18.30 17.59
C VAL A 68 -5.85 18.25 18.77
N THR A 69 -7.13 18.14 18.45
CA THR A 69 -8.20 18.01 19.44
C THR A 69 -9.03 16.79 19.09
N PHE A 70 -9.16 15.85 20.04
CA PHE A 70 -10.11 14.76 19.91
C PHE A 70 -11.48 15.18 20.45
N SER A 71 -12.54 14.69 19.82
CA SER A 71 -13.89 14.89 20.31
C SER A 71 -14.75 13.69 19.89
N VAL A 72 -15.96 13.61 20.47
CA VAL A 72 -16.92 12.60 20.06
C VAL A 72 -18.30 13.22 19.91
N ASP A 73 -19.13 12.55 19.13
CA ASP A 73 -20.57 12.81 19.08
C ASP A 73 -21.25 11.51 19.50
N LYS A 74 -21.69 11.44 20.76
CA LYS A 74 -22.29 10.20 21.25
C LYS A 74 -23.52 9.82 20.44
N SER A 75 -24.34 10.80 20.05
CA SER A 75 -25.60 10.48 19.38
C SER A 75 -25.38 9.83 18.01
N THR A 76 -24.25 10.08 17.36
CA THR A 76 -23.94 9.41 16.10
C THR A 76 -22.80 8.41 16.24
N THR A 77 -22.41 8.07 17.48
CA THR A 77 -21.27 7.19 17.81
C THR A 77 -20.10 7.42 16.86
N THR A 78 -19.67 8.67 16.80
CA THR A 78 -18.62 9.11 15.91
C THR A 78 -17.55 9.82 16.73
N ALA A 79 -16.30 9.47 16.48
CA ALA A 79 -15.16 10.15 17.06
C ALA A 79 -14.52 11.04 16.01
N TYR A 80 -13.88 12.11 16.47
CA TYR A 80 -13.33 13.12 15.57
C TYR A 80 -11.91 13.48 15.96
N LEU A 81 -11.13 13.82 14.94
CA LEU A 81 -9.79 14.35 15.12
CA LEU A 81 -9.79 14.34 15.11
C LEU A 81 -9.72 15.65 14.34
N GLN A 82 -9.33 16.73 15.02
CA GLN A 82 -9.41 18.08 14.47
C GLN A 82 -8.09 18.82 14.60
N TRP A 83 -7.63 19.41 13.49
CA TRP A 83 -6.54 20.35 13.48
C TRP A 83 -7.11 21.76 13.34
N SER A 84 -6.52 22.71 14.04
CA SER A 84 -6.91 24.10 13.84
C SER A 84 -6.12 24.77 12.73
N SER A 85 -4.89 24.33 12.48
CA SER A 85 -4.03 24.96 11.46
C SER A 85 -3.04 23.91 10.95
N LEU A 86 -3.37 23.33 9.79
CA LEU A 86 -2.55 22.25 9.25
C LEU A 86 -1.18 22.74 8.77
N LYS A 87 -0.19 21.86 8.89
CA LYS A 87 1.13 22.03 8.33
C LYS A 87 1.39 20.94 7.29
N VAL A 88 2.30 21.23 6.35
CA VAL A 88 2.71 20.23 5.37
C VAL A 88 3.15 18.95 6.07
N SER A 89 3.82 19.08 7.22
CA SER A 89 4.30 17.91 7.95
C SER A 89 3.19 17.06 8.56
N ASP A 90 1.93 17.51 8.52
CA ASP A 90 0.82 16.68 8.97
C ASP A 90 0.36 15.67 7.93
N SER A 91 0.92 15.69 6.73
CA SER A 91 0.57 14.72 5.70
C SER A 91 0.93 13.32 6.15
N ALA A 92 -0.07 12.43 6.20
CA ALA A 92 0.11 11.07 6.68
C ALA A 92 -1.25 10.37 6.58
N ILE A 93 -1.25 9.06 6.84
CA ILE A 93 -2.48 8.32 7.09
CA ILE A 93 -2.52 8.37 7.08
C ILE A 93 -2.81 8.43 8.57
N TYR A 94 -4.09 8.56 8.91
CA TYR A 94 -4.51 8.61 10.30
C TYR A 94 -5.49 7.48 10.54
N TYR A 95 -5.16 6.61 11.49
CA TYR A 95 -6.05 5.52 11.88
C TYR A 95 -6.77 5.90 13.16
N CYS A 96 -8.06 5.59 13.19
CA CYS A 96 -8.76 5.48 14.45
CA CYS A 96 -8.83 5.48 14.41
C CYS A 96 -8.96 4.00 14.74
N ALA A 97 -9.09 3.68 16.03
CA ALA A 97 -9.22 2.28 16.39
C ALA A 97 -9.82 2.20 17.79
N ARG A 98 -10.41 1.05 18.08
CA ARG A 98 -10.91 0.81 19.42
C ARG A 98 -9.81 0.23 20.28
N LEU A 99 -9.83 0.59 21.57
CA LEU A 99 -9.01 -0.10 22.55
C LEU A 99 -9.83 -1.26 23.09
N SER A 100 -9.22 -2.43 23.18
CA SER A 100 -9.91 -3.62 23.66
C SER A 100 -9.16 -4.19 24.86
N GLN A 101 -9.86 -4.98 25.67
CA GLN A 101 -9.22 -5.48 26.88
C GLN A 101 -9.94 -6.73 27.36
N VAL A 102 -9.18 -7.79 27.60
CA VAL A 102 -9.69 -9.03 28.19
C VAL A 102 -9.35 -9.02 29.67
N SER A 103 -10.37 -9.25 30.51
CA SER A 103 -10.21 -9.44 31.95
C SER A 103 -9.37 -8.29 32.51
N GLY A 104 -8.35 -8.55 33.32
CA GLY A 104 -7.47 -7.51 33.80
C GLY A 104 -6.16 -7.40 33.08
N TRP A 105 -5.95 -8.17 32.02
CA TRP A 105 -4.74 -8.04 31.21
C TRP A 105 -4.69 -6.67 30.56
N SER A 106 -3.47 -6.19 30.33
CA SER A 106 -3.27 -4.90 29.68
CA SER A 106 -3.30 -4.89 29.70
C SER A 106 -4.00 -4.87 28.32
N PRO A 107 -4.50 -3.70 27.92
CA PRO A 107 -5.29 -3.64 26.69
C PRO A 107 -4.43 -3.69 25.43
N TRP A 108 -5.12 -3.83 24.30
CA TRP A 108 -4.51 -3.76 22.98
C TRP A 108 -5.40 -2.95 22.06
N VAL A 109 -4.89 -2.65 20.87
CA VAL A 109 -5.62 -1.84 19.91
C VAL A 109 -6.30 -2.76 18.89
N GLY A 110 -7.62 -2.63 18.76
CA GLY A 110 -8.34 -3.34 17.73
C GLY A 110 -9.82 -3.46 18.05
N PRO A 111 -10.68 -3.52 17.02
CA PRO A 111 -10.33 -3.43 15.60
C PRO A 111 -9.98 -2.00 15.19
N TRP A 112 -9.59 -1.84 13.93
CA TRP A 112 -9.08 -0.60 13.40
C TRP A 112 -9.99 -0.07 12.32
N GLY A 113 -10.04 1.24 12.20
CA GLY A 113 -10.58 1.84 11.00
C GLY A 113 -9.62 1.62 9.83
N GLN A 114 -10.10 1.95 8.62
CA GLN A 114 -9.30 1.73 7.43
C GLN A 114 -8.27 2.82 7.17
N GLY A 115 -8.26 3.88 7.98
CA GLY A 115 -7.31 4.98 7.82
C GLY A 115 -7.81 6.06 6.89
N THR A 116 -7.43 7.30 7.20
CA THR A 116 -7.74 8.48 6.38
C THR A 116 -6.42 9.11 5.95
N LEU A 117 -6.20 9.18 4.64
CA LEU A 117 -4.99 9.81 4.12
C LEU A 117 -5.19 11.32 4.03
N VAL A 118 -4.39 12.08 4.75
CA VAL A 118 -4.48 13.54 4.74
C VAL A 118 -3.24 14.04 4.01
N THR A 119 -3.46 14.82 2.96
CA THR A 119 -2.37 15.50 2.27
C THR A 119 -2.52 17.01 2.48
N VAL A 120 -1.48 17.64 3.00
CA VAL A 120 -1.47 19.09 3.20
C VAL A 120 -0.53 19.67 2.16
N SER A 121 -1.06 20.51 1.28
CA SER A 121 -0.32 20.96 0.11
C SER A 121 -0.85 22.31 -0.37
N SER A 122 0.03 23.10 -0.95
CA SER A 122 -0.38 24.33 -1.60
C SER A 122 -1.04 24.10 -2.95
N ALA A 123 -0.93 22.90 -3.51
CA ALA A 123 -1.35 22.67 -4.90
C ALA A 123 -2.80 22.24 -4.97
N SER A 124 -3.47 22.61 -6.07
CA SER A 124 -4.85 22.21 -6.28
CA SER A 124 -4.85 22.21 -6.28
C SER A 124 -4.93 20.75 -6.73
N THR A 125 -6.09 20.14 -6.48
CA THR A 125 -6.27 18.75 -6.87
C THR A 125 -6.34 18.63 -8.39
N LYS A 126 -5.86 17.50 -8.90
CA LYS A 126 -6.01 17.17 -10.32
C LYS A 126 -6.52 15.74 -10.43
N GLY A 127 -7.58 15.54 -11.19
CA GLY A 127 -8.14 14.21 -11.37
C GLY A 127 -7.44 13.43 -12.47
N PRO A 128 -7.41 12.10 -12.33
CA PRO A 128 -6.63 11.28 -13.26
C PRO A 128 -7.32 11.10 -14.60
N SER A 129 -6.50 10.87 -15.63
CA SER A 129 -6.97 10.29 -16.87
C SER A 129 -6.82 8.78 -16.77
N VAL A 130 -7.78 8.04 -17.31
CA VAL A 130 -7.75 6.59 -17.25
C VAL A 130 -7.70 6.06 -18.68
N PHE A 131 -6.66 5.29 -18.99
CA PHE A 131 -6.48 4.73 -20.32
C PHE A 131 -6.38 3.22 -20.25
N PRO A 132 -6.95 2.50 -21.21
CA PRO A 132 -6.85 1.04 -21.20
C PRO A 132 -5.44 0.57 -21.55
N LEU A 133 -5.05 -0.55 -20.94
CA LEU A 133 -3.86 -1.32 -21.33
C LEU A 133 -4.42 -2.61 -21.92
N ALA A 134 -4.64 -2.60 -23.23
CA ALA A 134 -5.44 -3.63 -23.89
C ALA A 134 -4.67 -4.94 -23.98
N PRO A 135 -5.30 -6.07 -23.68
CA PRO A 135 -4.61 -7.35 -23.88
C PRO A 135 -4.43 -7.61 -25.37
N SER A 136 -3.26 -8.14 -25.71
CA SER A 136 -2.96 -8.57 -27.07
C SER A 136 -1.98 -9.73 -26.97
N SER A 137 -1.54 -10.24 -28.13
CA SER A 137 -0.48 -11.24 -28.14
C SER A 137 0.78 -10.72 -27.43
N LYS A 138 1.01 -9.41 -27.47
CA LYS A 138 2.15 -8.80 -26.79
C LYS A 138 2.07 -8.92 -25.27
N SER A 139 0.89 -9.20 -24.72
CA SER A 139 0.68 -9.32 -23.28
C SER A 139 0.14 -10.69 -22.91
N THR A 140 0.42 -11.69 -23.75
CA THR A 140 -0.11 -13.04 -23.57
C THR A 140 1.02 -14.05 -23.62
N SER A 141 0.96 -15.04 -22.74
CA SER A 141 1.85 -16.19 -22.83
C SER A 141 1.27 -17.34 -22.03
N GLY A 142 1.54 -18.56 -22.49
CA GLY A 142 1.08 -19.74 -21.76
C GLY A 142 -0.39 -19.76 -21.43
N GLY A 143 -1.24 -19.28 -22.35
CA GLY A 143 -2.66 -19.24 -22.08
C GLY A 143 -3.11 -18.20 -21.07
N THR A 144 -2.22 -17.30 -20.66
CA THR A 144 -2.56 -16.20 -19.76
C THR A 144 -2.35 -14.87 -20.47
N ALA A 145 -3.30 -13.96 -20.35
CA ALA A 145 -3.17 -12.63 -20.93
C ALA A 145 -3.22 -11.56 -19.83
N ALA A 146 -2.36 -10.56 -19.96
CA ALA A 146 -2.34 -9.41 -19.05
C ALA A 146 -3.09 -8.24 -19.69
N LEU A 147 -3.81 -7.50 -18.86
CA LEU A 147 -4.49 -6.29 -19.31
C LEU A 147 -4.51 -5.33 -18.13
N GLY A 148 -4.87 -4.07 -18.39
CA GLY A 148 -4.81 -3.16 -17.27
C GLY A 148 -5.43 -1.81 -17.59
N CYS A 149 -5.30 -0.91 -16.62
CA CYS A 149 -5.65 0.49 -16.80
C CYS A 149 -4.49 1.35 -16.32
N LEU A 150 -4.17 2.38 -17.10
CA LEU A 150 -3.18 3.38 -16.74
C LEU A 150 -3.93 4.57 -16.14
N VAL A 151 -3.57 4.93 -14.91
CA VAL A 151 -4.23 5.99 -14.16
C VAL A 151 -3.22 7.12 -14.02
N LYS A 152 -3.36 8.16 -14.85
CA LYS A 152 -2.25 9.06 -15.11
C LYS A 152 -2.58 10.50 -14.70
N ASP A 153 -1.57 11.16 -14.11
CA ASP A 153 -1.55 12.61 -13.88
C ASP A 153 -2.61 13.02 -12.86
N TYR A 154 -2.49 12.57 -11.62
CA TYR A 154 -3.43 13.02 -10.59
C TYR A 154 -2.67 13.53 -9.37
N PHE A 155 -3.40 14.27 -8.54
CA PHE A 155 -2.87 14.75 -7.28
C PHE A 155 -4.05 15.08 -6.37
N PRO A 156 -4.00 14.68 -5.09
CA PRO A 156 -2.99 13.92 -4.37
C PRO A 156 -3.33 12.44 -4.41
N GLU A 157 -2.58 11.65 -3.66
CA GLU A 157 -2.98 10.28 -3.38
C GLU A 157 -4.23 10.34 -2.51
N PRO A 158 -5.05 9.29 -2.49
CA PRO A 158 -4.97 8.01 -3.20
C PRO A 158 -5.96 7.90 -4.34
N VAL A 159 -5.74 6.94 -5.22
CA VAL A 159 -6.76 6.44 -6.11
C VAL A 159 -7.03 5.00 -5.68
N THR A 160 -8.25 4.55 -5.91
CA THR A 160 -8.57 3.14 -5.77
C THR A 160 -8.91 2.59 -7.14
N VAL A 161 -8.49 1.35 -7.39
CA VAL A 161 -8.83 0.64 -8.62
C VAL A 161 -9.43 -0.70 -8.22
N SER A 162 -10.61 -1.00 -8.72
CA SER A 162 -11.15 -2.34 -8.66
C SER A 162 -11.38 -2.84 -10.07
N TRP A 163 -11.62 -4.15 -10.18
CA TRP A 163 -11.85 -4.79 -11.48
C TRP A 163 -13.21 -5.48 -11.44
N ASN A 164 -14.03 -5.19 -12.45
CA ASN A 164 -15.36 -5.75 -12.56
C ASN A 164 -16.14 -5.54 -11.26
N SER A 165 -16.06 -4.31 -10.73
CA SER A 165 -16.76 -3.89 -9.53
C SER A 165 -16.43 -4.76 -8.33
N GLY A 166 -15.25 -5.34 -8.30
CA GLY A 166 -14.80 -6.14 -7.19
C GLY A 166 -14.87 -7.64 -7.39
N ALA A 167 -15.55 -8.10 -8.44
CA ALA A 167 -15.66 -9.53 -8.70
C ALA A 167 -14.31 -10.13 -9.07
N LEU A 168 -13.42 -9.34 -9.65
CA LEU A 168 -12.14 -9.82 -10.14
C LEU A 168 -11.05 -9.28 -9.21
N THR A 169 -10.47 -10.17 -8.40
CA THR A 169 -9.37 -9.81 -7.51
C THR A 169 -8.15 -10.69 -7.66
N SER A 170 -8.29 -11.91 -8.17
CA SER A 170 -7.14 -12.79 -8.30
C SER A 170 -6.23 -12.29 -9.43
N GLY A 171 -4.92 -12.28 -9.16
CA GLY A 171 -3.99 -11.84 -10.18
C GLY A 171 -3.93 -10.35 -10.43
N VAL A 172 -4.54 -9.53 -9.58
CA VAL A 172 -4.48 -8.08 -9.76
C VAL A 172 -3.20 -7.54 -9.14
N HIS A 173 -2.51 -6.66 -9.86
CA HIS A 173 -1.39 -5.88 -9.30
C HIS A 173 -1.67 -4.42 -9.58
N THR A 174 -2.03 -3.67 -8.55
CA THR A 174 -2.14 -2.22 -8.66
C THR A 174 -0.84 -1.63 -8.13
N PHE A 175 -0.05 -1.03 -9.02
CA PHE A 175 1.28 -0.60 -8.65
C PHE A 175 1.22 0.62 -7.73
N PRO A 176 2.17 0.75 -6.82
CA PRO A 176 2.34 2.00 -6.07
C PRO A 176 2.45 3.19 -7.01
N ALA A 177 1.83 4.30 -6.62
CA ALA A 177 1.93 5.51 -7.42
C ALA A 177 3.36 6.03 -7.43
N VAL A 178 3.78 6.57 -8.56
CA VAL A 178 5.11 7.15 -8.72
C VAL A 178 4.97 8.56 -9.28
N LEU A 179 5.76 9.48 -8.74
CA LEU A 179 5.77 10.86 -9.19
C LEU A 179 6.43 11.01 -10.55
N GLN A 180 5.77 11.73 -11.44
CA GLN A 180 6.37 12.19 -12.67
C GLN A 180 7.07 13.51 -12.44
N SER A 181 7.89 13.93 -13.41
CA SER A 181 8.60 15.19 -13.26
C SER A 181 7.64 16.39 -13.18
N SER A 182 6.39 16.22 -13.64
CA SER A 182 5.32 17.22 -13.49
C SER A 182 4.89 17.42 -12.04
N GLY A 183 5.32 16.55 -11.11
CA GLY A 183 4.80 16.60 -9.77
C GLY A 183 3.47 15.91 -9.57
N LEU A 184 2.96 15.27 -10.61
CA LEU A 184 1.72 14.50 -10.55
C LEU A 184 2.03 13.02 -10.46
N TYR A 185 1.12 12.28 -9.82
CA TYR A 185 1.23 10.84 -9.67
C TYR A 185 0.69 10.11 -10.91
N SER A 186 1.18 8.88 -11.07
CA SER A 186 0.67 7.99 -12.09
CA SER A 186 0.66 7.98 -12.09
C SER A 186 0.86 6.55 -11.61
N LEU A 187 -0.07 5.69 -11.98
CA LEU A 187 0.10 4.26 -11.71
C LEU A 187 -0.67 3.48 -12.76
N SER A 188 -0.36 2.18 -12.84
CA SER A 188 -1.15 1.23 -13.60
C SER A 188 -1.67 0.15 -12.66
N SER A 189 -2.86 -0.34 -12.97
CA SER A 189 -3.41 -1.54 -12.37
C SER A 189 -3.51 -2.61 -13.46
N VAL A 190 -2.92 -3.77 -13.21
CA VAL A 190 -2.93 -4.84 -14.21
C VAL A 190 -3.53 -6.08 -13.58
N VAL A 191 -3.99 -6.98 -14.44
CA VAL A 191 -4.53 -8.26 -14.00
C VAL A 191 -4.22 -9.28 -15.08
N THR A 192 -3.95 -10.52 -14.67
CA THR A 192 -3.74 -11.59 -15.63
C THR A 192 -4.95 -12.52 -15.58
N VAL A 193 -5.42 -12.91 -16.76
CA VAL A 193 -6.64 -13.68 -16.93
C VAL A 193 -6.40 -14.74 -17.98
N PRO A 194 -7.24 -15.77 -18.05
CA PRO A 194 -7.10 -16.75 -19.15
C PRO A 194 -7.28 -16.07 -20.49
N SER A 195 -6.34 -16.32 -21.40
CA SER A 195 -6.43 -15.74 -22.73
C SER A 195 -7.69 -16.20 -23.46
N SER A 196 -8.22 -17.37 -23.11
CA SER A 196 -9.43 -17.85 -23.76
C SER A 196 -10.66 -17.05 -23.34
N SER A 197 -10.59 -16.35 -22.20
CA SER A 197 -11.71 -15.56 -21.75
C SER A 197 -11.87 -14.24 -22.50
N LEU A 198 -10.88 -13.84 -23.31
CA LEU A 198 -10.84 -12.48 -23.83
C LEU A 198 -12.02 -12.18 -24.73
N GLY A 199 -12.49 -13.16 -25.51
CA GLY A 199 -13.68 -12.95 -26.29
C GLY A 199 -14.96 -12.98 -25.49
N THR A 200 -14.97 -13.72 -24.37
CA THR A 200 -16.15 -13.99 -23.58
C THR A 200 -16.38 -12.97 -22.47
N GLN A 201 -15.33 -12.66 -21.71
CA GLN A 201 -15.46 -11.90 -20.48
C GLN A 201 -15.19 -10.42 -20.75
N THR A 202 -16.05 -9.56 -20.22
CA THR A 202 -15.79 -8.13 -20.27
C THR A 202 -14.96 -7.76 -19.03
N TYR A 203 -13.96 -6.92 -19.24
CA TYR A 203 -13.07 -6.47 -18.18
C TYR A 203 -13.17 -4.96 -18.07
N ILE A 204 -13.56 -4.48 -16.90
CA ILE A 204 -13.75 -3.06 -16.65
C ILE A 204 -13.00 -2.69 -15.37
N CYS A 205 -12.16 -1.66 -15.44
CA CYS A 205 -11.51 -1.15 -14.24
C CYS A 205 -12.34 0.02 -13.71
N ASN A 206 -12.55 0.01 -12.39
CA ASN A 206 -13.32 1.04 -11.71
C ASN A 206 -12.34 1.87 -10.90
N VAL A 207 -12.16 3.12 -11.33
CA VAL A 207 -11.17 4.02 -10.76
C VAL A 207 -11.89 5.12 -10.00
N ASN A 208 -11.45 5.39 -8.78
CA ASN A 208 -12.03 6.48 -8.01
C ASN A 208 -10.92 7.35 -7.42
N HIS A 209 -11.04 8.66 -7.61
CA HIS A 209 -10.14 9.63 -7.00
C HIS A 209 -11.02 10.61 -6.24
N LYS A 210 -11.15 10.40 -4.92
CA LYS A 210 -12.08 11.20 -4.12
C LYS A 210 -11.75 12.69 -4.09
N PRO A 211 -10.50 13.12 -3.91
CA PRO A 211 -10.24 14.57 -3.81
C PRO A 211 -10.69 15.38 -5.02
N SER A 212 -10.82 14.76 -6.20
CA SER A 212 -11.28 15.45 -7.39
C SER A 212 -12.64 14.98 -7.84
N ASN A 213 -13.33 14.15 -7.04
CA ASN A 213 -14.62 13.59 -7.42
C ASN A 213 -14.57 12.99 -8.81
N THR A 214 -13.51 12.23 -9.08
CA THR A 214 -13.33 11.57 -10.37
C THR A 214 -13.67 10.09 -10.20
N LYS A 215 -14.67 9.62 -10.93
CA LYS A 215 -15.06 8.21 -10.91
C LYS A 215 -15.22 7.77 -12.35
N VAL A 216 -14.42 6.79 -12.75
CA VAL A 216 -14.33 6.35 -14.14
C VAL A 216 -14.42 4.84 -14.17
N ASP A 217 -15.28 4.33 -15.05
CA ASP A 217 -15.31 2.90 -15.38
C ASP A 217 -14.79 2.78 -16.81
N LYS A 218 -13.72 2.00 -16.99
CA LYS A 218 -13.08 1.89 -18.29
C LYS A 218 -13.13 0.44 -18.77
N LYS A 219 -13.92 0.17 -19.80
CA LYS A 219 -13.86 -1.13 -20.46
C LYS A 219 -12.53 -1.27 -21.18
N VAL A 220 -11.89 -2.42 -21.00
CA VAL A 220 -10.60 -2.69 -21.61
C VAL A 220 -10.82 -3.77 -22.66
N GLU A 221 -10.68 -3.42 -23.93
CA GLU A 221 -11.04 -4.39 -24.94
C GLU A 221 -9.81 -4.96 -25.63
N PRO A 222 -9.84 -6.26 -25.96
CA PRO A 222 -8.67 -6.89 -26.57
C PRO A 222 -8.38 -6.30 -27.93
N LYS A 223 -7.11 -6.37 -28.31
CA LYS A 223 -6.65 -5.89 -29.61
C LYS A 223 -6.02 -7.02 -30.39
N SER A 224 -6.26 -7.03 -31.69
CA SER A 224 -5.65 -7.96 -32.64
C SER A 224 -4.85 -7.15 -33.65
N CYS A 225 -3.57 -7.49 -33.80
CA CYS A 225 -2.62 -6.70 -34.58
C CYS A 225 -1.99 -7.62 -35.63
N ASP A 226 -2.29 -7.40 -36.91
CA ASP A 226 -1.74 -8.30 -37.93
C ASP A 226 -0.28 -8.00 -38.27
N LYS A 227 0.27 -6.87 -37.80
CA LYS A 227 1.68 -6.56 -37.99
C LYS A 227 2.06 -6.50 -39.46
N LEU A 228 1.09 -6.21 -40.33
CA LEU A 228 1.33 -6.03 -41.76
C LEU A 228 1.25 -4.55 -42.12
N GLU A 229 1.79 -4.21 -43.29
CA GLU A 229 1.73 -2.84 -43.81
C GLU A 229 0.40 -2.54 -44.51
N ASP B 2 8.64 7.97 31.01
CA ASP B 2 8.34 7.96 29.58
C ASP B 2 9.02 6.77 28.88
N ILE B 3 8.22 5.83 28.40
CA ILE B 3 8.68 4.50 28.03
C ILE B 3 9.00 4.46 26.53
N VAL B 4 10.25 4.14 26.20
CA VAL B 4 10.71 4.01 24.83
C VAL B 4 10.84 2.55 24.47
N MET B 5 10.26 2.16 23.34
CA MET B 5 10.33 0.79 22.85
C MET B 5 11.31 0.72 21.70
N THR B 6 12.33 -0.12 21.84
CA THR B 6 13.38 -0.28 20.84
C THR B 6 13.23 -1.67 20.23
N GLN B 7 12.96 -1.71 18.94
CA GLN B 7 12.66 -2.95 18.25
C GLN B 7 13.84 -3.31 17.33
N SER B 8 14.15 -4.59 17.25
CA SER B 8 15.25 -5.05 16.40
C SER B 8 15.01 -6.45 15.85
N PRO B 9 15.50 -6.72 14.62
CA PRO B 9 16.16 -5.78 13.70
C PRO B 9 15.11 -4.95 12.99
N SER B 10 15.52 -3.94 12.23
N SER B 10 15.52 -3.94 12.23
CA SER B 10 14.54 -3.14 11.51
CA SER B 10 14.55 -3.14 11.52
C SER B 10 13.97 -3.88 10.32
C SER B 10 14.00 -3.85 10.29
N SER B 11 14.68 -4.88 9.80
CA SER B 11 14.17 -5.70 8.72
C SER B 11 14.95 -7.01 8.72
N LEU B 12 14.34 -8.03 8.14
CA LEU B 12 15.01 -9.31 8.03
C LEU B 12 14.39 -10.07 6.86
N SER B 13 15.11 -11.08 6.39
CA SER B 13 14.58 -11.97 5.37
C SER B 13 14.85 -13.41 5.79
N ALA B 14 13.89 -14.28 5.49
CA ALA B 14 13.99 -15.69 5.88
C ALA B 14 13.25 -16.53 4.87
N SER B 15 13.60 -17.82 4.81
CA SER B 15 12.93 -18.73 3.91
C SER B 15 11.64 -19.23 4.54
N VAL B 16 10.71 -19.66 3.68
CA VAL B 16 9.50 -20.33 4.16
C VAL B 16 9.93 -21.51 5.01
N GLY B 17 9.31 -21.65 6.18
CA GLY B 17 9.69 -22.70 7.12
C GLY B 17 10.74 -22.31 8.15
N ASP B 18 11.47 -21.23 7.95
CA ASP B 18 12.46 -20.76 8.91
C ASP B 18 11.79 -20.27 10.19
N ARG B 19 12.56 -20.31 11.29
CA ARG B 19 12.13 -19.71 12.55
C ARG B 19 12.65 -18.28 12.61
N VAL B 20 11.74 -17.33 12.80
CA VAL B 20 12.04 -15.90 12.81
C VAL B 20 11.86 -15.38 14.23
N THR B 21 12.79 -14.53 14.66
CA THR B 21 12.81 -13.95 16.00
C THR B 21 12.91 -12.44 15.89
N ILE B 22 11.95 -11.74 16.50
CA ILE B 22 11.97 -10.28 16.55
C ILE B 22 12.01 -9.87 18.01
N THR B 23 12.88 -8.93 18.34
CA THR B 23 13.10 -8.50 19.72
CA THR B 23 13.06 -8.52 19.72
C THR B 23 12.55 -7.10 19.94
N CYS B 24 12.03 -6.86 21.14
CA CYS B 24 11.55 -5.55 21.56
C CYS B 24 12.09 -5.30 22.97
N ARG B 25 12.73 -4.15 23.18
CA ARG B 25 13.22 -3.78 24.51
C ARG B 25 12.55 -2.49 24.97
N ALA B 26 12.21 -2.46 26.26
CA ALA B 26 11.59 -1.30 26.89
C ALA B 26 12.64 -0.55 27.71
N SER B 27 12.55 0.78 27.72
CA SER B 27 13.48 1.60 28.47
C SER B 27 13.32 1.45 29.98
N GLN B 28 12.23 0.84 30.44
CA GLN B 28 12.03 0.48 31.83
C GLN B 28 11.16 -0.76 31.87
N SER B 29 11.11 -1.41 33.02
CA SER B 29 10.31 -2.61 33.14
C SER B 29 8.84 -2.28 32.90
N ILE B 30 8.14 -3.17 32.19
CA ILE B 30 6.73 -2.99 31.86
C ILE B 30 5.97 -4.28 32.11
N SER B 31 6.53 -5.17 32.93
CA SER B 31 5.89 -6.42 33.33
C SER B 31 5.52 -7.22 32.08
N VAL B 32 4.24 -7.56 31.86
CA VAL B 32 3.86 -8.26 30.63
C VAL B 32 2.86 -7.42 29.84
N SER B 33 2.95 -6.10 29.98
CA SER B 33 2.02 -5.18 29.30
C SER B 33 2.58 -4.83 27.92
N LEU B 34 2.50 -5.81 27.02
CA LEU B 34 3.13 -5.66 25.71
C LEU B 34 2.33 -6.41 24.66
N ASN B 35 2.10 -5.76 23.52
CA ASN B 35 1.37 -6.34 22.41
C ASN B 35 2.27 -6.46 21.19
N TRP B 36 1.97 -7.42 20.33
CA TRP B 36 2.58 -7.54 19.00
C TRP B 36 1.50 -7.42 17.94
N TYR B 37 1.79 -6.63 16.89
CA TYR B 37 0.91 -6.43 15.75
C TYR B 37 1.58 -6.85 14.46
N GLN B 38 0.76 -7.24 13.49
CA GLN B 38 1.17 -7.50 12.12
C GLN B 38 0.50 -6.48 11.21
N GLN B 39 1.28 -5.82 10.36
CA GLN B 39 0.71 -4.89 9.39
C GLN B 39 1.16 -5.28 7.99
N LYS B 40 0.23 -5.68 7.18
CA LYS B 40 0.46 -5.98 5.78
C LYS B 40 0.32 -4.71 4.94
N PRO B 41 0.96 -4.68 3.76
CA PRO B 41 0.92 -3.46 2.93
C PRO B 41 -0.51 -3.03 2.62
N GLY B 42 -0.78 -1.73 2.80
CA GLY B 42 -2.07 -1.17 2.47
C GLY B 42 -3.19 -1.48 3.44
N LYS B 43 -2.88 -2.07 4.60
CA LYS B 43 -3.90 -2.45 5.58
C LYS B 43 -3.56 -1.84 6.94
N ALA B 44 -4.59 -1.66 7.76
CA ALA B 44 -4.38 -1.38 9.17
C ALA B 44 -3.67 -2.56 9.83
N PRO B 45 -2.92 -2.31 10.90
CA PRO B 45 -2.30 -3.41 11.67
C PRO B 45 -3.36 -4.28 12.30
N LYS B 46 -2.93 -5.47 12.71
CA LYS B 46 -3.80 -6.42 13.40
C LYS B 46 -3.05 -7.01 14.59
N VAL B 47 -3.70 -7.08 15.75
CA VAL B 47 -3.02 -7.60 16.93
C VAL B 47 -2.83 -9.11 16.76
N LEU B 48 -1.63 -9.58 17.11
CA LEU B 48 -1.31 -11.00 17.16
C LEU B 48 -1.36 -11.53 18.59
N ILE B 49 -0.72 -10.80 19.51
CA ILE B 49 -0.46 -11.25 20.86
C ILE B 49 -0.69 -10.07 21.79
N TYR B 50 -1.32 -10.33 22.93
CA TYR B 50 -1.42 -9.31 23.96
C TYR B 50 -0.89 -9.88 25.26
N ALA B 51 -0.61 -8.99 26.21
CA ALA B 51 -0.07 -9.40 27.51
C ALA B 51 1.20 -10.24 27.33
N ALA B 52 2.06 -9.82 26.39
CA ALA B 52 3.35 -10.44 26.11
C ALA B 52 3.27 -11.84 25.49
N SER B 53 2.38 -12.69 25.97
CA SER B 53 2.40 -14.08 25.53
C SER B 53 1.03 -14.65 25.15
N ARG B 54 -0.06 -13.90 25.31
CA ARG B 54 -1.39 -14.44 25.07
C ARG B 54 -1.77 -14.24 23.61
N LEU B 55 -1.98 -15.35 22.91
CA LEU B 55 -2.27 -15.35 21.47
C LEU B 55 -3.74 -15.02 21.22
N GLN B 56 -4.00 -14.10 20.30
CA GLN B 56 -5.38 -13.76 19.97
C GLN B 56 -6.05 -14.91 19.23
N SER B 57 -7.34 -15.10 19.51
CA SER B 57 -8.12 -16.09 18.78
C SER B 57 -8.08 -15.76 17.29
N GLY B 58 -7.96 -16.80 16.47
CA GLY B 58 -7.85 -16.63 15.05
C GLY B 58 -6.42 -16.50 14.54
N ILE B 59 -5.45 -16.28 15.41
CA ILE B 59 -4.05 -16.13 14.98
C ILE B 59 -3.42 -17.52 14.93
N PRO B 60 -2.67 -17.84 13.88
CA PRO B 60 -2.05 -19.17 13.79
C PRO B 60 -1.07 -19.42 14.91
N SER B 61 -1.00 -20.68 15.34
CA SER B 61 -0.17 -21.07 16.48
C SER B 61 1.32 -20.89 16.22
N ARG B 62 1.74 -20.70 14.96
CA ARG B 62 3.17 -20.49 14.73
C ARG B 62 3.65 -19.16 15.30
N PHE B 63 2.75 -18.22 15.60
CA PHE B 63 3.13 -17.00 16.28
C PHE B 63 3.12 -17.22 17.79
N SER B 64 4.16 -16.75 18.47
CA SER B 64 4.28 -16.89 19.92
CA SER B 64 4.23 -16.87 19.92
C SER B 64 5.04 -15.70 20.47
N GLY B 65 4.60 -15.18 21.62
CA GLY B 65 5.29 -14.10 22.30
C GLY B 65 5.90 -14.60 23.59
N SER B 66 7.05 -14.04 23.96
CA SER B 66 7.69 -14.42 25.20
C SER B 66 8.36 -13.21 25.83
N GLY B 67 8.66 -13.33 27.11
CA GLY B 67 9.43 -12.33 27.82
C GLY B 67 8.59 -11.59 28.83
N SER B 68 9.28 -10.84 29.68
CA SER B 68 8.64 -10.01 30.68
C SER B 68 9.68 -9.02 31.17
N GLY B 69 9.20 -7.95 31.81
CA GLY B 69 10.13 -6.93 32.28
C GLY B 69 10.51 -5.94 31.19
N SER B 70 11.72 -6.06 30.64
CA SER B 70 12.16 -5.10 29.64
CA SER B 70 12.19 -5.11 29.65
C SER B 70 12.62 -5.75 28.34
N HIS B 71 12.47 -7.07 28.20
CA HIS B 71 12.93 -7.76 27.00
C HIS B 71 11.85 -8.70 26.52
N PHE B 72 11.45 -8.56 25.26
CA PHE B 72 10.36 -9.36 24.72
C PHE B 72 10.73 -9.88 23.34
N THR B 73 10.15 -11.01 22.97
CA THR B 73 10.46 -11.66 21.71
C THR B 73 9.19 -12.12 21.03
N LEU B 74 9.09 -11.84 19.74
CA LEU B 74 8.06 -12.43 18.89
C LEU B 74 8.73 -13.51 18.05
N THR B 75 8.20 -14.72 18.13
CA THR B 75 8.75 -15.83 17.36
C THR B 75 7.72 -16.32 16.37
N ILE B 76 8.11 -16.42 15.10
CA ILE B 76 7.35 -17.13 14.10
C ILE B 76 8.07 -18.44 13.84
N SER B 77 7.44 -19.57 14.18
CA SER B 77 8.17 -20.83 14.26
C SER B 77 8.42 -21.45 12.88
N SER B 78 7.53 -21.21 11.92
CA SER B 78 7.66 -21.77 10.57
C SER B 78 7.10 -20.71 9.61
N LEU B 79 7.98 -19.83 9.15
CA LEU B 79 7.55 -18.67 8.37
C LEU B 79 6.78 -19.09 7.13
N GLN B 80 5.65 -18.42 6.87
CA GLN B 80 4.82 -18.73 5.72
C GLN B 80 4.81 -17.54 4.78
N PRO B 81 4.53 -17.76 3.49
CA PRO B 81 4.51 -16.62 2.54
C PRO B 81 3.59 -15.50 2.99
N GLU B 82 2.43 -15.85 3.56
CA GLU B 82 1.48 -14.82 3.95
C GLU B 82 1.94 -14.04 5.18
N ASP B 83 3.04 -14.43 5.80
CA ASP B 83 3.57 -13.69 6.95
C ASP B 83 4.40 -12.48 6.53
N PHE B 84 4.58 -12.26 5.23
CA PHE B 84 5.21 -11.04 4.77
C PHE B 84 4.43 -9.83 5.30
N ALA B 85 5.09 -8.97 6.06
CA ALA B 85 4.44 -7.89 6.78
C ALA B 85 5.50 -7.15 7.59
N THR B 86 5.09 -6.01 8.16
CA THR B 86 5.88 -5.32 9.16
C THR B 86 5.25 -5.58 10.53
N TYR B 87 6.08 -6.00 11.48
CA TYR B 87 5.64 -6.36 12.83
C TYR B 87 6.03 -5.25 13.81
N TYR B 88 5.13 -4.95 14.75
CA TYR B 88 5.36 -3.89 15.74
C TYR B 88 5.05 -4.41 17.13
N CYS B 89 5.90 -4.04 18.09
CA CYS B 89 5.53 -4.17 19.49
C CYS B 89 4.91 -2.87 19.98
N GLN B 90 4.31 -2.92 21.16
CA GLN B 90 3.68 -1.75 21.76
C GLN B 90 3.57 -1.99 23.26
N GLU B 91 3.97 -1.00 24.06
CA GLU B 91 3.76 -1.11 25.50
C GLU B 91 2.39 -0.53 25.85
N THR B 92 1.68 -1.21 26.74
CA THR B 92 0.45 -0.65 27.31
C THR B 92 0.55 -0.63 28.82
N TYR B 93 1.77 -0.40 29.31
CA TYR B 93 2.03 -0.25 30.74
C TYR B 93 1.77 1.18 31.21
N SER B 94 2.09 2.16 30.38
CA SER B 94 1.91 3.56 30.71
C SER B 94 0.42 3.90 30.88
N ASP B 95 0.16 5.14 31.29
CA ASP B 95 -1.21 5.62 31.46
C ASP B 95 -1.69 6.19 30.13
N LEU B 96 -2.15 5.27 29.26
CA LEU B 96 -2.64 5.61 27.92
C LEU B 96 -1.64 6.42 27.10
N MET B 97 -0.35 6.11 27.27
CA MET B 97 0.69 6.68 26.42
C MET B 97 1.38 5.55 25.65
N TYR B 98 0.58 4.75 24.94
CA TYR B 98 0.94 3.40 24.50
C TYR B 98 1.78 3.41 23.21
N THR B 99 3.07 3.63 23.38
CA THR B 99 3.92 3.83 22.20
C THR B 99 4.34 2.51 21.54
N PHE B 100 4.56 2.60 20.23
CA PHE B 100 4.96 1.46 19.43
C PHE B 100 6.48 1.40 19.28
N GLY B 101 7.01 0.19 19.07
CA GLY B 101 8.33 0.05 18.51
C GLY B 101 8.40 0.54 17.07
N GLN B 102 9.63 0.56 16.52
CA GLN B 102 9.89 1.13 15.19
CA GLN B 102 9.82 1.17 15.19
C GLN B 102 9.40 0.26 14.05
N GLY B 103 9.12 -1.01 14.31
CA GLY B 103 8.71 -1.96 13.28
C GLY B 103 9.86 -2.81 12.77
N THR B 104 9.54 -4.05 12.42
CA THR B 104 10.47 -4.97 11.76
C THR B 104 9.83 -5.47 10.48
N LYS B 105 10.42 -5.15 9.34
CA LYS B 105 9.90 -5.63 8.06
C LYS B 105 10.40 -7.05 7.81
N VAL B 106 9.49 -8.00 7.62
CA VAL B 106 9.85 -9.39 7.38
C VAL B 106 9.61 -9.71 5.90
N GLU B 107 10.68 -10.06 5.19
CA GLU B 107 10.60 -10.43 3.79
C GLU B 107 10.93 -11.91 3.63
N ILE B 108 10.37 -12.53 2.60
CA ILE B 108 10.54 -13.96 2.37
C ILE B 108 11.63 -14.18 1.32
N LYS B 109 12.59 -15.05 1.64
CA LYS B 109 13.51 -15.57 0.64
CA LYS B 109 13.51 -15.57 0.64
C LYS B 109 12.86 -16.75 -0.06
N ARG B 110 12.84 -16.74 -1.39
CA ARG B 110 12.29 -17.84 -2.16
C ARG B 110 13.24 -18.11 -3.32
N THR B 111 12.93 -19.12 -4.14
CA THR B 111 13.79 -19.43 -5.27
C THR B 111 13.71 -18.34 -6.32
N VAL B 112 14.80 -18.17 -7.07
CA VAL B 112 14.78 -17.35 -8.27
C VAL B 112 13.57 -17.70 -9.13
N ALA B 113 12.92 -16.65 -9.67
CA ALA B 113 11.81 -16.83 -10.60
C ALA B 113 11.95 -15.76 -11.66
N ALA B 114 11.95 -16.17 -12.92
CA ALA B 114 12.08 -15.24 -14.04
C ALA B 114 10.78 -14.47 -14.25
N PRO B 115 10.86 -13.22 -14.69
CA PRO B 115 9.65 -12.46 -15.00
C PRO B 115 9.01 -12.89 -16.31
N SER B 116 7.69 -12.85 -16.34
CA SER B 116 6.96 -12.77 -17.60
C SER B 116 6.98 -11.33 -18.05
N VAL B 117 7.38 -11.07 -19.28
CA VAL B 117 7.55 -9.70 -19.78
C VAL B 117 6.48 -9.42 -20.82
N PHE B 118 5.71 -8.35 -20.62
CA PHE B 118 4.64 -7.95 -21.52
C PHE B 118 4.79 -6.47 -21.83
N ILE B 119 4.37 -6.05 -23.03
CA ILE B 119 4.51 -4.65 -23.41
C ILE B 119 3.17 -4.16 -23.95
N PHE B 120 2.83 -2.91 -23.59
CA PHE B 120 1.56 -2.29 -23.99
C PHE B 120 1.87 -0.99 -24.74
N PRO B 121 1.51 -0.86 -26.01
CA PRO B 121 1.62 0.43 -26.69
C PRO B 121 0.68 1.45 -26.06
N PRO B 122 0.86 2.74 -26.38
CA PRO B 122 -0.13 3.74 -25.95
C PRO B 122 -1.51 3.41 -26.51
N SER B 123 -2.54 3.75 -25.74
CA SER B 123 -3.90 3.65 -26.21
C SER B 123 -4.18 4.76 -27.23
N ASP B 124 -5.12 4.49 -28.14
CA ASP B 124 -5.54 5.53 -29.07
C ASP B 124 -6.14 6.72 -28.31
N GLU B 125 -6.84 6.44 -27.20
CA GLU B 125 -7.42 7.52 -26.42
CA GLU B 125 -7.42 7.51 -26.40
C GLU B 125 -6.34 8.46 -25.89
N GLN B 126 -5.26 7.90 -25.33
CA GLN B 126 -4.19 8.76 -24.82
C GLN B 126 -3.52 9.55 -25.95
N LEU B 127 -3.33 8.92 -27.11
CA LEU B 127 -2.68 9.63 -28.21
C LEU B 127 -3.50 10.83 -28.66
N LYS B 128 -4.83 10.69 -28.71
CA LYS B 128 -5.73 11.83 -28.90
C LYS B 128 -5.37 12.98 -27.99
N SER B 129 -5.06 12.69 -26.72
CA SER B 129 -4.78 13.74 -25.75
C SER B 129 -3.34 14.26 -25.85
N GLY B 130 -2.54 13.78 -26.79
CA GLY B 130 -1.25 14.36 -27.08
C GLY B 130 -0.06 13.79 -26.33
N THR B 131 -0.23 12.68 -25.62
CA THR B 131 0.87 12.04 -24.91
CA THR B 131 0.87 12.04 -24.91
C THR B 131 0.87 10.55 -25.23
N ALA B 132 2.02 9.91 -25.04
CA ALA B 132 2.17 8.49 -25.35
C ALA B 132 2.90 7.82 -24.19
N SER B 133 2.21 6.91 -23.50
CA SER B 133 2.83 6.09 -22.46
C SER B 133 2.92 4.66 -22.93
N VAL B 134 4.13 4.10 -22.91
CA VAL B 134 4.37 2.69 -23.25
C VAL B 134 4.68 1.98 -21.95
N VAL B 135 3.97 0.88 -21.68
CA VAL B 135 4.13 0.20 -20.39
C VAL B 135 4.76 -1.17 -20.62
N CYS B 136 5.87 -1.41 -19.92
CA CYS B 136 6.52 -2.70 -19.91
CA CYS B 136 6.53 -2.71 -19.91
C CYS B 136 6.23 -3.34 -18.55
N LEU B 137 5.64 -4.51 -18.55
CA LEU B 137 5.26 -5.20 -17.32
C LEU B 137 6.15 -6.41 -17.11
N LEU B 138 6.78 -6.51 -15.93
CA LEU B 138 7.53 -7.70 -15.52
C LEU B 138 6.72 -8.35 -14.41
N ASN B 139 6.18 -9.54 -14.67
CA ASN B 139 5.23 -10.15 -13.74
C ASN B 139 5.85 -11.35 -13.02
N ASN B 140 5.68 -11.38 -11.69
CA ASN B 140 5.93 -12.53 -10.82
C ASN B 140 7.38 -13.04 -10.90
N PHE B 141 8.30 -12.18 -10.48
CA PHE B 141 9.71 -12.54 -10.51
C PHE B 141 10.33 -12.43 -9.12
N TYR B 142 11.51 -13.04 -8.99
CA TYR B 142 12.28 -13.02 -7.74
C TYR B 142 13.72 -13.32 -8.11
N PRO B 143 14.70 -12.57 -7.55
CA PRO B 143 14.66 -11.49 -6.57
C PRO B 143 14.17 -10.15 -7.14
N ARG B 144 14.06 -9.16 -6.26
CA ARG B 144 13.48 -7.88 -6.68
CA ARG B 144 13.50 -7.86 -6.64
C ARG B 144 14.34 -7.17 -7.71
N GLU B 145 15.66 -7.33 -7.68
CA GLU B 145 16.52 -6.62 -8.62
C GLU B 145 16.26 -7.02 -10.06
N ALA B 146 16.07 -6.01 -10.91
CA ALA B 146 15.82 -6.23 -12.32
C ALA B 146 16.27 -4.99 -13.08
N LYS B 147 16.82 -5.17 -14.25
CA LYS B 147 17.28 -4.04 -15.06
C LYS B 147 16.40 -3.98 -16.30
N VAL B 148 15.70 -2.88 -16.47
CA VAL B 148 14.79 -2.67 -17.59
C VAL B 148 15.30 -1.49 -18.40
N GLN B 149 15.60 -1.72 -19.68
CA GLN B 149 16.08 -0.66 -20.55
C GLN B 149 15.14 -0.50 -21.71
N TRP B 150 14.91 0.76 -22.10
CA TRP B 150 14.09 1.09 -23.25
C TRP B 150 14.99 1.38 -24.43
N LYS B 151 14.61 0.87 -25.59
CA LYS B 151 15.26 1.22 -26.85
C LYS B 151 14.19 1.66 -27.83
N VAL B 152 14.40 2.80 -28.45
CA VAL B 152 13.49 3.33 -29.45
C VAL B 152 14.28 3.44 -30.74
N ASP B 153 13.81 2.77 -31.78
CA ASP B 153 14.58 2.56 -33.01
C ASP B 153 16.03 2.21 -32.68
N ASN B 154 16.17 1.25 -31.77
CA ASN B 154 17.44 0.69 -31.32
C ASN B 154 18.34 1.69 -30.58
N ALA B 155 17.84 2.88 -30.26
CA ALA B 155 18.59 3.85 -29.50
C ALA B 155 18.19 3.75 -28.03
N LEU B 156 19.17 3.56 -27.15
CA LEU B 156 18.91 3.43 -25.72
C LEU B 156 18.37 4.74 -25.16
N GLN B 157 17.22 4.66 -24.47
CA GLN B 157 16.59 5.82 -23.85
C GLN B 157 17.11 6.01 -22.44
N SER B 158 17.12 7.26 -21.99
CA SER B 158 17.34 7.52 -20.57
C SER B 158 16.58 8.79 -20.20
N GLY B 159 16.07 8.81 -18.97
CA GLY B 159 15.43 9.99 -18.42
C GLY B 159 13.97 10.18 -18.77
N ASN B 160 13.34 9.28 -19.52
CA ASN B 160 11.94 9.43 -19.89
C ASN B 160 11.07 8.27 -19.43
N SER B 161 11.54 7.50 -18.45
CA SER B 161 10.77 6.36 -17.96
C SER B 161 10.83 6.30 -16.45
N GLN B 162 9.82 5.68 -15.85
CA GLN B 162 9.83 5.47 -14.42
CA GLN B 162 9.76 5.49 -14.41
C GLN B 162 9.32 4.07 -14.10
N GLU B 163 9.81 3.53 -12.98
CA GLU B 163 9.50 2.19 -12.55
C GLU B 163 8.66 2.22 -11.28
N SER B 164 7.82 1.20 -11.13
CA SER B 164 7.13 0.97 -9.86
C SER B 164 7.15 -0.53 -9.60
N VAL B 165 7.34 -0.93 -8.33
CA VAL B 165 7.45 -2.34 -7.96
CA VAL B 165 7.44 -2.34 -7.97
C VAL B 165 6.43 -2.63 -6.87
N THR B 166 5.74 -3.76 -7.00
CA THR B 166 4.78 -4.15 -5.97
C THR B 166 5.52 -4.66 -4.74
N GLU B 167 4.81 -4.73 -3.63
CA GLU B 167 5.35 -5.44 -2.48
C GLU B 167 5.27 -6.94 -2.73
N GLN B 168 6.08 -7.69 -1.99
CA GLN B 168 6.12 -9.13 -2.17
CA GLN B 168 6.12 -9.14 -2.14
C GLN B 168 4.73 -9.74 -2.07
N ASP B 169 4.42 -10.65 -3.00
CA ASP B 169 3.12 -11.29 -3.03
C ASP B 169 2.92 -12.20 -1.82
N SER B 170 1.72 -12.13 -1.23
CA SER B 170 1.45 -12.91 -0.02
C SER B 170 1.32 -14.40 -0.28
N LYS B 171 1.19 -14.84 -1.54
CA LYS B 171 1.06 -16.25 -1.83
C LYS B 171 2.33 -16.86 -2.41
N ASP B 172 2.97 -16.21 -3.38
CA ASP B 172 4.13 -16.81 -4.02
C ASP B 172 5.42 -16.02 -3.79
N SER B 173 5.34 -14.95 -3.02
CA SER B 173 6.51 -14.20 -2.56
C SER B 173 7.28 -13.55 -3.71
N THR B 174 6.66 -13.35 -4.88
CA THR B 174 7.34 -12.70 -5.98
C THR B 174 7.02 -11.21 -6.03
N TYR B 175 7.72 -10.52 -6.91
CA TYR B 175 7.51 -9.12 -7.23
C TYR B 175 6.93 -8.99 -8.63
N SER B 176 6.29 -7.85 -8.86
CA SER B 176 5.98 -7.42 -10.22
C SER B 176 6.41 -5.99 -10.37
N LEU B 177 6.69 -5.57 -11.60
CA LEU B 177 7.26 -4.26 -11.84
C LEU B 177 6.71 -3.68 -13.13
N SER B 178 6.41 -2.39 -13.11
CA SER B 178 6.08 -1.67 -14.32
C SER B 178 7.20 -0.69 -14.64
N SER B 179 7.51 -0.55 -15.93
CA SER B 179 8.40 0.50 -16.40
C SER B 179 7.63 1.24 -17.48
N THR B 180 7.43 2.53 -17.30
CA THR B 180 6.54 3.29 -18.16
C THR B 180 7.35 4.35 -18.86
N LEU B 181 7.39 4.29 -20.18
CA LEU B 181 8.10 5.26 -21.01
C LEU B 181 7.08 6.28 -21.47
N THR B 182 7.33 7.56 -21.19
CA THR B 182 6.36 8.59 -21.52
C THR B 182 6.98 9.59 -22.46
N LEU B 183 6.31 9.82 -23.58
CA LEU B 183 6.75 10.72 -24.63
C LEU B 183 5.57 11.56 -25.05
N SER B 184 5.86 12.72 -25.62
CA SER B 184 4.79 13.43 -26.30
C SER B 184 4.34 12.61 -27.51
N LYS B 185 3.10 12.85 -27.94
CA LYS B 185 2.62 12.18 -29.14
C LYS B 185 3.55 12.43 -30.33
N ALA B 186 3.99 13.68 -30.49
CA ALA B 186 4.88 14.01 -31.61
C ALA B 186 6.17 13.22 -31.55
N ASP B 187 6.77 13.07 -30.36
CA ASP B 187 7.99 12.28 -30.26
C ASP B 187 7.70 10.80 -30.52
N TYR B 188 6.59 10.29 -30.00
CA TYR B 188 6.23 8.90 -30.25
C TYR B 188 6.07 8.62 -31.73
N GLU B 189 5.47 9.56 -32.48
CA GLU B 189 5.19 9.34 -33.89
C GLU B 189 6.42 9.55 -34.78
N LYS B 190 7.55 9.95 -34.21
CA LYS B 190 8.79 10.05 -34.99
C LYS B 190 9.51 8.73 -35.13
N HIS B 191 9.12 7.70 -34.38
CA HIS B 191 9.87 6.45 -34.35
C HIS B 191 8.93 5.28 -34.60
N LYS B 192 9.53 4.12 -34.89
CA LYS B 192 8.78 2.93 -35.24
C LYS B 192 8.90 1.82 -34.20
N VAL B 193 10.12 1.48 -33.80
CA VAL B 193 10.36 0.28 -32.98
C VAL B 193 10.50 0.70 -31.52
N TYR B 194 9.60 0.18 -30.68
CA TYR B 194 9.64 0.40 -29.24
C TYR B 194 9.92 -0.92 -28.56
N ALA B 195 10.99 -1.00 -27.79
CA ALA B 195 11.43 -2.25 -27.19
C ALA B 195 11.84 -2.07 -25.74
N CYS B 196 11.43 -3.01 -24.91
CA CYS B 196 11.82 -3.08 -23.50
CA CYS B 196 11.91 -3.03 -23.53
C CYS B 196 12.74 -4.28 -23.32
N GLU B 197 13.94 -4.07 -22.81
CA GLU B 197 14.90 -5.16 -22.60
C GLU B 197 15.11 -5.37 -21.11
N VAL B 198 14.96 -6.62 -20.68
CA VAL B 198 14.91 -6.99 -19.27
C VAL B 198 16.08 -7.91 -18.95
N THR B 199 16.86 -7.54 -17.95
CA THR B 199 17.93 -8.37 -17.44
C THR B 199 17.59 -8.80 -16.01
N HIS B 200 17.70 -10.10 -15.74
CA HIS B 200 17.27 -10.63 -14.44
C HIS B 200 17.96 -11.96 -14.16
N GLN B 201 18.20 -12.21 -12.88
CA GLN B 201 18.84 -13.45 -12.41
CA GLN B 201 18.87 -13.44 -12.46
C GLN B 201 18.17 -14.69 -13.01
N GLY B 202 16.86 -14.64 -13.19
CA GLY B 202 16.15 -15.82 -13.65
C GLY B 202 16.24 -16.09 -15.14
N LEU B 203 16.81 -15.16 -15.90
CA LEU B 203 16.90 -15.26 -17.35
C LEU B 203 18.34 -15.54 -17.72
N SER B 204 18.56 -16.58 -18.54
CA SER B 204 19.93 -16.92 -18.92
C SER B 204 20.55 -15.83 -19.79
N SER B 205 19.74 -15.11 -20.56
CA SER B 205 20.17 -13.92 -21.29
C SER B 205 19.02 -12.94 -21.31
N PRO B 206 19.27 -11.65 -21.56
CA PRO B 206 18.22 -10.64 -21.50
C PRO B 206 17.10 -10.92 -22.48
N VAL B 207 15.88 -10.59 -22.06
CA VAL B 207 14.66 -10.78 -22.84
C VAL B 207 14.22 -9.42 -23.34
N THR B 208 13.90 -9.33 -24.62
CA THR B 208 13.37 -8.10 -25.21
C THR B 208 11.95 -8.34 -25.70
N LYS B 209 11.04 -7.44 -25.35
CA LYS B 209 9.71 -7.43 -25.94
C LYS B 209 9.57 -6.11 -26.69
N SER B 210 9.05 -6.17 -27.91
CA SER B 210 9.07 -5.03 -28.81
CA SER B 210 9.08 -5.04 -28.81
C SER B 210 7.76 -4.97 -29.58
N PHE B 211 7.48 -3.78 -30.13
CA PHE B 211 6.38 -3.65 -31.06
C PHE B 211 6.75 -2.56 -32.06
N ASN B 212 6.02 -2.53 -33.16
CA ASN B 212 6.18 -1.52 -34.20
C ASN B 212 4.99 -0.59 -34.13
N ARG B 213 5.26 0.71 -34.05
CA ARG B 213 4.16 1.67 -34.13
C ARG B 213 3.41 1.45 -35.44
N GLY B 214 2.09 1.32 -35.35
CA GLY B 214 1.25 1.09 -36.51
C GLY B 214 0.84 -0.36 -36.72
N GLU B 215 1.44 -1.30 -36.01
CA GLU B 215 1.24 -2.73 -36.29
C GLU B 215 -0.19 -3.19 -36.01
N CYS B 216 -1.02 -2.38 -35.36
CA CYS B 216 -2.42 -2.78 -35.18
C CYS B 216 -3.32 -1.94 -36.09
#